data_8GXC
#
_entry.id   8GXC
#
_cell.length_a   57.588
_cell.length_b   122.677
_cell.length_c   154.378
_cell.angle_alpha   90.000
_cell.angle_beta   90.000
_cell.angle_gamma   90.000
#
_symmetry.space_group_name_H-M   'P 21 21 21'
#
loop_
_entity.id
_entity.type
_entity.pdbx_description
1 polymer '61-mer RNA'
2 polymer 'U1 small nuclear ribonucleoprotein A'
3 non-polymer 'BETA-NICOTINAMIDE RIBOSE MONOPHOSPHATE'
4 non-polymer 'MAGNESIUM ION'
5 water water
#
loop_
_entity_poly.entity_id
_entity_poly.type
_entity_poly.pdbx_seq_one_letter_code
_entity_poly.pdbx_strand_id
1 'polyribonucleotide' (GTP)GAGCGUUACGUCCGAAAGUCGCAUUGCACUCCGCGACACGGCUCUUUAAAAACAAAAGGA A,B
2 'polypeptide(L)'
;AVPETRPNHTIYINNLNEKIKKDELKKSLHAIFSRFGQILDILVSRSLKMRGQAFVIFKEVSSATNALRSMQGFPFYDKP
MRIQYAKTDSDIIAKMK
;
C,D,E,F,G
#
loop_
_chem_comp.id
_chem_comp.type
_chem_comp.name
_chem_comp.formula
A RNA linking ADENOSINE-5'-MONOPHOSPHATE 'C10 H14 N5 O7 P'
C RNA linking CYTIDINE-5'-MONOPHOSPHATE 'C9 H14 N3 O8 P'
G RNA linking GUANOSINE-5'-MONOPHOSPHATE 'C10 H14 N5 O8 P'
GTP non-polymer GUANOSINE-5'-TRIPHOSPHATE 'C10 H16 N5 O14 P3'
MG non-polymer 'MAGNESIUM ION' 'Mg 2'
NMN non-polymer 'BETA-NICOTINAMIDE RIBOSE MONOPHOSPHATE' 'C11 H16 N2 O8 P 1'
U RNA linking URIDINE-5'-MONOPHOSPHATE 'C9 H13 N2 O9 P'
#
# COMPACT_ATOMS: atom_id res chain seq x y z
PG GTP A 1 25.99 24.75 3.76
O1G GTP A 1 26.84 24.33 4.95
O2G GTP A 1 26.87 25.31 2.66
O3G GTP A 1 25.05 25.85 4.22
O3B GTP A 1 25.16 23.47 3.20
PB GTP A 1 25.52 21.92 3.48
O1B GTP A 1 25.59 21.65 4.97
O2B GTP A 1 24.52 21.00 2.80
O3A GTP A 1 27.00 21.67 2.84
PA GTP A 1 27.50 22.39 1.49
O1A GTP A 1 27.80 21.28 0.50
O2A GTP A 1 26.45 23.30 0.86
O5' GTP A 1 28.83 23.18 1.90
C5' GTP A 1 29.68 23.78 0.94
C4' GTP A 1 31.03 23.07 0.74
O4' GTP A 1 31.82 22.95 1.92
C3' GTP A 1 30.93 21.67 0.15
O3' GTP A 1 30.77 21.68 -1.25
C2' GTP A 1 32.26 21.09 0.60
O2' GTP A 1 33.24 21.43 -0.36
C1' GTP A 1 32.55 21.74 1.94
N9 GTP A 1 31.94 20.82 2.91
C8 GTP A 1 30.73 20.96 3.54
N7 GTP A 1 30.50 19.86 4.29
C5 GTP A 1 31.54 19.02 4.13
C6 GTP A 1 31.82 17.77 4.67
O6 GTP A 1 31.01 17.25 5.45
N1 GTP A 1 32.98 17.12 4.33
C2 GTP A 1 33.86 17.72 3.46
N2 GTP A 1 34.99 17.08 3.11
N3 GTP A 1 33.58 18.95 2.93
C4 GTP A 1 32.45 19.60 3.26
PG GTP B 1 -20.39 25.44 -31.03
O1G GTP B 1 -21.71 25.64 -30.31
O2G GTP B 1 -20.63 25.63 -32.52
O3G GTP B 1 -19.42 26.49 -30.53
O3B GTP B 1 -19.78 23.95 -30.76
PB GTP B 1 -20.20 22.94 -29.56
O1B GTP B 1 -19.85 21.51 -29.95
O2B GTP B 1 -19.59 23.31 -28.22
O3A GTP B 1 -21.79 23.11 -29.52
PA GTP B 1 -22.68 22.70 -30.78
O1A GTP B 1 -22.43 23.54 -32.02
O2A GTP B 1 -22.47 21.24 -31.12
O5' GTP B 1 -24.16 23.01 -30.23
C5' GTP B 1 -24.59 24.35 -30.06
C4' GTP B 1 -26.11 24.42 -29.94
O4' GTP B 1 -26.68 24.21 -31.22
C3' GTP B 1 -26.67 23.33 -29.05
O3' GTP B 1 -26.85 23.76 -27.72
C2' GTP B 1 -27.99 22.99 -29.71
O2' GTP B 1 -29.06 23.79 -29.24
C1' GTP B 1 -27.74 23.27 -31.17
N9 GTP B 1 -27.26 22.01 -31.78
C8 GTP B 1 -26.03 21.80 -32.34
N7 GTP B 1 -25.95 20.53 -32.79
C5 GTP B 1 -27.12 19.91 -32.52
C6 GTP B 1 -27.57 18.62 -32.78
O6 GTP B 1 -26.85 17.79 -33.35
N1 GTP B 1 -28.84 18.25 -32.41
C2 GTP B 1 -29.65 19.18 -31.79
N2 GTP B 1 -30.87 18.81 -31.42
N3 GTP B 1 -29.21 20.46 -31.54
C4 GTP B 1 -27.96 20.83 -31.90
N VAL C 2 17.09 13.30 -58.77
CA VAL C 2 17.16 13.35 -57.29
C VAL C 2 16.36 12.19 -56.65
N PRO C 3 15.03 12.26 -56.58
CA PRO C 3 14.30 11.32 -55.71
C PRO C 3 14.43 9.89 -56.19
N GLU C 4 14.09 8.95 -55.32
CA GLU C 4 14.19 7.53 -55.65
C GLU C 4 12.88 7.07 -56.25
N THR C 5 12.89 6.78 -57.56
CA THR C 5 11.68 6.41 -58.28
C THR C 5 11.55 4.93 -58.54
N ARG C 6 12.52 4.13 -58.13
CA ARG C 6 12.45 2.71 -58.39
C ARG C 6 11.54 2.05 -57.36
N PRO C 7 10.48 1.37 -57.77
CA PRO C 7 9.50 0.87 -56.80
C PRO C 7 10.11 -0.12 -55.82
N ASN C 8 9.72 0.01 -54.55
CA ASN C 8 10.18 -0.85 -53.49
C ASN C 8 9.02 -1.14 -52.54
N HIS C 9 9.14 -2.24 -51.78
CA HIS C 9 8.16 -2.54 -50.73
C HIS C 9 8.09 -1.44 -49.67
N THR C 10 9.09 -0.58 -49.58
CA THR C 10 9.22 0.36 -48.49
C THR C 10 9.26 1.77 -49.04
N ILE C 11 8.48 2.66 -48.46
CA ILE C 11 8.47 4.07 -48.82
C ILE C 11 9.25 4.86 -47.76
N TYR C 12 9.99 5.85 -48.23
CA TYR C 12 10.83 6.71 -47.40
C TYR C 12 10.17 8.08 -47.40
N ILE C 13 9.60 8.48 -46.23
CA ILE C 13 9.02 9.80 -46.05
C ILE C 13 10.04 10.67 -45.33
N ASN C 14 10.09 11.94 -45.70
CA ASN C 14 10.82 12.96 -44.94
C ASN C 14 10.02 14.26 -45.04
N ASN C 15 10.64 15.37 -44.65
CA ASN C 15 9.91 16.62 -44.35
C ASN C 15 8.87 16.40 -43.25
N LEU C 16 9.09 15.43 -42.38
CA LEU C 16 8.21 15.25 -41.24
C LEU C 16 8.53 16.26 -40.16
N ASN C 17 7.54 16.52 -39.31
CA ASN C 17 7.71 17.43 -38.19
C ASN C 17 8.57 16.76 -37.14
N GLU C 18 9.72 17.37 -36.84
CA GLU C 18 10.65 16.74 -35.91
C GLU C 18 10.22 16.90 -34.46
N LYS C 19 9.36 17.87 -34.15
CA LYS C 19 8.88 18.07 -32.78
C LYS C 19 7.96 16.96 -32.30
N ILE C 20 7.47 16.11 -33.19
CA ILE C 20 6.51 15.09 -32.79
C ILE C 20 7.22 13.93 -32.15
N LYS C 21 6.62 13.38 -31.11
CA LYS C 21 7.19 12.26 -30.39
C LYS C 21 7.15 11.00 -31.24
N LYS C 22 8.10 10.09 -30.97
CA LYS C 22 8.27 8.90 -31.79
C LYS C 22 6.97 8.11 -31.94
N ASP C 23 6.38 7.66 -30.83
CA ASP C 23 5.29 6.72 -31.07
C ASP C 23 3.94 7.38 -31.33
N GLU C 24 3.83 8.70 -31.21
CA GLU C 24 2.67 9.37 -31.80
C GLU C 24 2.81 9.41 -33.33
N LEU C 25 4.00 9.80 -33.81
CA LEU C 25 4.31 9.80 -35.23
C LEU C 25 4.16 8.40 -35.82
N LYS C 26 4.74 7.41 -35.17
CA LYS C 26 4.70 6.05 -35.68
C LYS C 26 3.27 5.53 -35.74
N LYS C 27 2.40 6.00 -34.87
CA LYS C 27 1.03 5.53 -34.91
C LYS C 27 0.11 6.42 -35.74
N SER C 28 0.41 7.72 -35.81
CA SER C 28 -0.33 8.57 -36.75
C SER C 28 -0.02 8.17 -38.19
N LEU C 29 1.24 7.78 -38.46
CA LEU C 29 1.57 7.26 -39.78
C LEU C 29 0.78 5.99 -40.10
N HIS C 30 0.64 5.09 -39.12
CA HIS C 30 -0.08 3.84 -39.38
C HIS C 30 -1.55 4.11 -39.61
N ALA C 31 -2.09 5.18 -39.02
CA ALA C 31 -3.51 5.49 -39.20
C ALA C 31 -3.79 5.98 -40.61
N ILE C 32 -2.86 6.72 -41.21
CA ILE C 32 -3.11 7.31 -42.51
C ILE C 32 -2.67 6.41 -43.67
N PHE C 33 -1.88 5.37 -43.40
CA PHE C 33 -1.39 4.50 -44.45
C PHE C 33 -1.99 3.10 -44.41
N SER C 34 -2.71 2.75 -43.35
CA SER C 34 -3.23 1.39 -43.24
C SER C 34 -4.13 1.00 -44.43
N ARG C 35 -4.81 1.97 -45.06
CA ARG C 35 -5.83 1.64 -46.05
C ARG C 35 -5.25 1.20 -47.39
N PHE C 36 -3.92 1.23 -47.53
CA PHE C 36 -3.27 0.85 -48.76
C PHE C 36 -2.79 -0.59 -48.75
N GLY C 37 -2.71 -1.21 -47.59
CA GLY C 37 -2.37 -2.62 -47.50
C GLY C 37 -1.73 -2.93 -46.18
N GLN C 38 -1.51 -4.21 -45.96
CA GLN C 38 -0.77 -4.70 -44.81
C GLN C 38 0.56 -3.97 -44.67
N ILE C 39 0.72 -3.29 -43.55
CA ILE C 39 1.99 -2.67 -43.20
C ILE C 39 2.75 -3.65 -42.34
N LEU C 40 3.96 -4.01 -42.75
CA LEU C 40 4.76 -4.94 -41.94
C LEU C 40 5.43 -4.26 -40.76
N ASP C 41 5.78 -2.97 -40.89
CA ASP C 41 6.55 -2.26 -39.88
C ASP C 41 6.58 -0.79 -40.25
N ILE C 42 6.71 0.07 -39.24
CA ILE C 42 7.06 1.47 -39.42
C ILE C 42 8.28 1.73 -38.56
N LEU C 43 9.25 2.48 -39.10
CA LEU C 43 10.54 2.67 -38.46
C LEU C 43 10.77 4.15 -38.26
N VAL C 44 10.87 4.59 -37.01
CA VAL C 44 11.13 5.98 -36.67
C VAL C 44 12.34 6.04 -35.75
N SER C 45 13.09 7.14 -35.87
CA SER C 45 14.30 7.37 -35.11
C SER C 45 14.55 8.87 -35.01
N ARG C 46 14.70 9.37 -33.79
CA ARG C 46 14.91 10.79 -33.59
C ARG C 46 16.38 11.17 -33.56
N SER C 47 17.27 10.24 -33.90
CA SER C 47 18.69 10.54 -33.95
C SER C 47 18.96 11.72 -34.89
N LEU C 48 20.21 12.18 -34.86
CA LEU C 48 20.58 13.38 -35.60
C LEU C 48 20.31 13.19 -37.10
N LYS C 49 20.81 12.10 -37.66
CA LYS C 49 20.69 11.86 -39.09
C LYS C 49 19.39 11.16 -39.49
N MET C 50 18.53 10.77 -38.55
CA MET C 50 17.32 10.07 -38.95
C MET C 50 16.04 10.80 -38.56
N ARG C 51 16.11 11.86 -37.76
CA ARG C 51 14.89 12.55 -37.42
C ARG C 51 14.28 13.21 -38.67
N GLY C 52 13.02 13.56 -38.56
CA GLY C 52 12.33 14.14 -39.67
C GLY C 52 11.80 13.15 -40.69
N GLN C 53 12.02 11.85 -40.50
CA GLN C 53 11.87 10.96 -41.63
C GLN C 53 11.55 9.55 -41.14
N ALA C 54 10.70 8.82 -41.87
CA ALA C 54 10.32 7.48 -41.46
C ALA C 54 10.31 6.54 -42.65
N PHE C 55 10.42 5.23 -42.38
CA PHE C 55 10.21 4.16 -43.35
C PHE C 55 8.94 3.40 -43.01
N VAL C 56 8.02 3.30 -43.98
CA VAL C 56 6.84 2.45 -43.88
C VAL C 56 7.03 1.26 -44.82
N ILE C 57 7.01 0.05 -44.27
CA ILE C 57 7.22 -1.18 -45.04
C ILE C 57 5.86 -1.81 -45.34
N PHE C 58 5.60 -2.07 -46.62
CA PHE C 58 4.38 -2.73 -47.05
C PHE C 58 4.65 -4.16 -47.47
N LYS C 59 3.62 -5.00 -47.36
CA LYS C 59 3.73 -6.38 -47.79
C LYS C 59 3.83 -6.49 -49.31
N GLU C 60 3.17 -5.57 -50.01
CA GLU C 60 3.03 -5.60 -51.45
C GLU C 60 3.56 -4.30 -52.03
N VAL C 61 4.31 -4.42 -53.12
CA VAL C 61 4.85 -3.21 -53.73
C VAL C 61 3.72 -2.31 -54.23
N SER C 62 2.60 -2.90 -54.65
CA SER C 62 1.50 -2.08 -55.19
C SER C 62 0.89 -1.20 -54.10
N SER C 63 0.84 -1.69 -52.86
CA SER C 63 0.41 -0.85 -51.74
C SER C 63 1.32 0.36 -51.63
N ALA C 64 2.64 0.11 -51.62
CA ALA C 64 3.63 1.18 -51.55
C ALA C 64 3.45 2.19 -52.68
N THR C 65 3.28 1.72 -53.92
CA THR C 65 3.11 2.66 -55.02
C THR C 65 1.87 3.50 -54.80
N ASN C 66 0.74 2.85 -54.51
CA ASN C 66 -0.50 3.58 -54.29
C ASN C 66 -0.35 4.55 -53.11
N ALA C 67 0.30 4.10 -52.03
CA ALA C 67 0.54 4.96 -50.87
C ALA C 67 1.40 6.16 -51.23
N LEU C 68 2.55 5.91 -51.88
CA LEU C 68 3.41 7.00 -52.31
C LEU C 68 2.64 8.01 -53.16
N ARG C 69 1.86 7.51 -54.13
CA ARG C 69 1.21 8.44 -55.05
C ARG C 69 0.06 9.15 -54.38
N SER C 70 -0.78 8.43 -53.64
CA SER C 70 -1.95 9.02 -53.01
C SER C 70 -1.59 10.05 -51.94
N MET C 71 -0.46 9.88 -51.27
CA MET C 71 -0.18 10.67 -50.08
C MET C 71 0.87 11.74 -50.29
N GLN C 72 1.39 11.87 -51.49
CA GLN C 72 2.45 12.84 -51.75
C GLN C 72 1.96 14.23 -51.35
N GLY C 73 2.80 14.96 -50.63
CA GLY C 73 2.49 16.33 -50.23
C GLY C 73 1.39 16.48 -49.20
N PHE C 74 0.81 15.38 -48.73
CA PHE C 74 -0.26 15.44 -47.73
C PHE C 74 0.21 16.24 -46.52
N PRO C 75 -0.55 17.24 -46.07
CA PRO C 75 -0.16 18.03 -44.89
C PRO C 75 -0.22 17.20 -43.62
N PHE C 76 0.87 17.20 -42.86
CA PHE C 76 1.06 16.26 -41.76
C PHE C 76 1.81 16.97 -40.65
N TYR C 77 1.13 17.25 -39.54
CA TYR C 77 1.68 18.05 -38.45
C TYR C 77 2.25 19.36 -39.00
N ASP C 78 1.49 19.97 -39.92
CA ASP C 78 1.75 21.23 -40.60
C ASP C 78 2.88 21.17 -41.64
N LYS C 79 3.49 20.00 -41.87
CA LYS C 79 4.43 19.83 -42.98
C LYS C 79 3.88 18.85 -44.00
N PRO C 80 3.90 19.20 -45.28
CA PRO C 80 3.53 18.23 -46.33
C PRO C 80 4.57 17.12 -46.42
N MET C 81 4.12 15.88 -46.26
CA MET C 81 5.01 14.75 -46.48
C MET C 81 5.64 14.84 -47.85
N ARG C 82 6.94 14.61 -47.88
CA ARG C 82 7.67 14.27 -49.10
C ARG C 82 7.90 12.77 -49.07
N ILE C 83 7.47 12.07 -50.13
CA ILE C 83 7.53 10.61 -50.15
C ILE C 83 8.30 10.17 -51.37
N GLN C 84 9.19 9.20 -51.18
CA GLN C 84 9.92 8.52 -52.24
C GLN C 84 9.98 7.03 -51.88
N TYR C 85 10.68 6.26 -52.70
CA TYR C 85 10.88 4.85 -52.44
C TYR C 85 12.15 4.67 -51.62
N ALA C 86 12.27 3.52 -50.99
CA ALA C 86 13.51 3.23 -50.26
C ALA C 86 14.60 2.87 -51.28
N LYS C 87 15.77 3.50 -51.14
CA LYS C 87 16.89 3.17 -52.03
C LYS C 87 17.12 1.67 -52.11
N THR C 88 17.03 0.98 -50.98
CA THR C 88 17.27 -0.46 -50.91
C THR C 88 16.10 -1.13 -50.20
N ASP C 89 16.08 -2.46 -50.26
CA ASP C 89 15.08 -3.21 -49.52
C ASP C 89 15.30 -3.07 -48.00
N SER C 90 14.20 -3.14 -47.26
CA SER C 90 14.27 -3.30 -45.83
C SER C 90 14.58 -4.75 -45.50
N ASP C 91 15.20 -4.96 -44.34
CA ASP C 91 15.67 -6.29 -43.96
C ASP C 91 14.50 -7.26 -43.82
N ILE C 92 13.38 -6.79 -43.27
CA ILE C 92 12.22 -7.65 -43.10
C ILE C 92 11.88 -8.29 -44.45
N ILE C 93 12.21 -7.58 -45.55
CA ILE C 93 11.83 -8.01 -46.90
C ILE C 93 12.80 -9.04 -47.44
N ALA C 94 14.09 -8.69 -47.46
CA ALA C 94 15.12 -9.51 -48.10
C ALA C 94 15.14 -10.93 -47.56
N LYS C 95 14.81 -11.11 -46.27
CA LYS C 95 14.57 -12.45 -45.73
C LYS C 95 13.67 -13.26 -46.66
N MET C 96 12.57 -12.67 -47.08
CA MET C 96 11.60 -13.34 -47.94
C MET C 96 11.99 -13.26 -49.42
N THR D 5 -28.11 35.09 28.06
CA THR D 5 -27.42 35.32 29.34
C THR D 5 -28.18 34.77 30.56
N ARG D 6 -29.51 35.12 30.66
CA ARG D 6 -30.71 34.81 31.40
C ARG D 6 -31.49 33.71 30.71
N PRO D 7 -32.10 32.79 31.46
CA PRO D 7 -32.74 31.62 30.83
C PRO D 7 -33.78 31.97 29.77
N ASN D 8 -34.07 30.98 28.94
CA ASN D 8 -34.88 31.13 27.74
C ASN D 8 -35.23 29.74 27.22
N HIS D 9 -36.34 29.67 26.47
CA HIS D 9 -36.80 28.38 25.92
C HIS D 9 -35.80 27.80 24.95
N THR D 10 -34.95 28.64 24.37
CA THR D 10 -34.17 28.34 23.19
C THR D 10 -32.69 28.54 23.47
N ILE D 11 -31.88 27.55 23.11
CA ILE D 11 -30.45 27.58 23.34
C ILE D 11 -29.75 27.99 22.07
N TYR D 12 -28.69 28.78 22.20
CA TYR D 12 -27.91 29.26 21.06
C TYR D 12 -26.60 28.50 21.07
N ILE D 13 -26.39 27.68 20.05
CA ILE D 13 -25.22 26.86 19.93
C ILE D 13 -24.39 27.46 18.81
N ASN D 14 -23.10 27.66 19.04
CA ASN D 14 -22.19 27.95 17.94
C ASN D 14 -20.92 27.13 18.15
N ASN D 15 -19.86 27.52 17.44
CA ASN D 15 -18.67 26.68 17.28
C ASN D 15 -19.04 25.30 16.74
N LEU D 16 -19.86 25.30 15.70
CA LEU D 16 -20.31 24.07 15.07
C LEU D 16 -19.58 23.88 13.75
N ASN D 17 -19.28 22.63 13.43
CA ASN D 17 -18.69 22.28 12.14
C ASN D 17 -19.48 22.85 10.97
N GLU D 18 -18.92 23.85 10.28
CA GLU D 18 -19.65 24.55 9.21
C GLU D 18 -19.80 23.71 7.95
N LYS D 19 -19.17 22.55 7.87
CA LYS D 19 -19.23 21.76 6.65
C LYS D 19 -20.34 20.72 6.66
N ILE D 20 -21.08 20.57 7.75
CA ILE D 20 -22.19 19.65 7.78
C ILE D 20 -23.37 20.31 7.08
N LYS D 21 -24.19 19.54 6.35
CA LYS D 21 -25.26 20.14 5.59
C LYS D 21 -26.48 20.37 6.48
N LYS D 22 -27.31 21.36 6.11
CA LYS D 22 -28.36 21.83 7.01
C LYS D 22 -29.19 20.69 7.58
N ASP D 23 -29.44 19.67 6.78
CA ASP D 23 -30.37 18.61 7.14
C ASP D 23 -29.71 17.60 8.07
N GLU D 24 -28.51 17.12 7.72
CA GLU D 24 -27.80 16.19 8.60
C GLU D 24 -27.57 16.80 9.98
N LEU D 25 -27.27 18.10 10.03
CA LEU D 25 -26.96 18.76 11.29
C LEU D 25 -28.16 18.77 12.20
N LYS D 26 -29.28 19.25 11.67
CA LYS D 26 -30.55 19.23 12.40
C LYS D 26 -30.82 17.85 12.99
N LYS D 27 -30.67 16.81 12.20
CA LYS D 27 -31.03 15.50 12.72
C LYS D 27 -30.01 15.03 13.74
N SER D 28 -28.72 15.27 13.47
CA SER D 28 -27.71 14.99 14.46
C SER D 28 -27.97 15.74 15.75
N LEU D 29 -28.26 17.04 15.66
CA LEU D 29 -28.53 17.83 16.86
C LEU D 29 -29.78 17.32 17.57
N HIS D 30 -30.76 16.89 16.79
CA HIS D 30 -32.00 16.39 17.39
C HIS D 30 -31.72 15.15 18.23
N ALA D 31 -31.00 14.18 17.66
CA ALA D 31 -30.71 12.94 18.35
C ALA D 31 -30.10 13.18 19.73
N ILE D 32 -29.15 14.10 19.82
CA ILE D 32 -28.46 14.29 21.11
C ILE D 32 -29.13 15.28 22.04
N PHE D 33 -30.09 16.09 21.57
CA PHE D 33 -30.79 17.00 22.46
C PHE D 33 -32.21 16.58 22.79
N SER D 34 -32.74 15.55 22.12
CA SER D 34 -34.13 15.17 22.36
C SER D 34 -34.29 14.49 23.71
N ARG D 35 -33.22 13.88 24.25
CA ARG D 35 -33.34 13.33 25.59
C ARG D 35 -33.69 14.36 26.65
N PHE D 36 -33.52 15.65 26.36
CA PHE D 36 -33.68 16.67 27.38
C PHE D 36 -35.11 17.19 27.52
N GLY D 37 -36.01 16.77 26.66
CA GLY D 37 -37.33 17.36 26.61
C GLY D 37 -37.73 17.51 25.16
N GLN D 38 -38.96 17.94 24.89
CA GLN D 38 -39.46 17.96 23.53
C GLN D 38 -38.87 19.14 22.77
N ILE D 39 -38.31 18.87 21.61
CA ILE D 39 -37.80 19.91 20.73
C ILE D 39 -38.93 20.38 19.81
N LEU D 40 -39.31 21.65 19.94
CA LEU D 40 -40.23 22.27 19.01
C LEU D 40 -39.61 22.37 17.60
N ASP D 41 -38.44 22.99 17.49
CA ASP D 41 -37.76 23.13 16.21
C ASP D 41 -36.30 23.48 16.45
N ILE D 42 -35.48 23.17 15.44
CA ILE D 42 -34.07 23.54 15.38
C ILE D 42 -33.86 24.38 14.13
N LEU D 43 -33.47 25.65 14.31
CA LEU D 43 -33.17 26.53 13.18
C LEU D 43 -31.69 26.46 12.84
N VAL D 44 -31.39 26.22 11.57
CA VAL D 44 -30.04 26.16 11.04
C VAL D 44 -29.99 26.98 9.75
N SER D 45 -28.94 27.77 9.58
CA SER D 45 -28.73 28.52 8.34
C SER D 45 -27.25 28.58 8.00
N ARG D 46 -26.93 28.34 6.74
CA ARG D 46 -25.56 28.35 6.25
C ARG D 46 -25.17 29.69 5.61
N SER D 47 -25.95 30.74 5.88
CA SER D 47 -25.58 32.15 5.73
C SER D 47 -24.13 32.43 6.12
N LEU D 48 -23.54 33.49 5.59
CA LEU D 48 -22.32 34.02 6.19
C LEU D 48 -22.56 34.40 7.66
N LYS D 49 -23.57 35.22 7.92
CA LYS D 49 -23.86 35.63 9.28
C LYS D 49 -24.24 34.45 10.18
N MET D 50 -24.82 33.39 9.64
CA MET D 50 -25.51 32.41 10.48
C MET D 50 -24.89 31.03 10.42
N ARG D 51 -23.83 30.82 9.63
CA ARG D 51 -23.22 29.51 9.64
C ARG D 51 -22.53 29.23 10.97
N GLY D 52 -22.37 27.94 11.26
CA GLY D 52 -21.75 27.49 12.50
C GLY D 52 -22.63 27.61 13.70
N GLN D 53 -23.89 28.00 13.51
CA GLN D 53 -24.82 28.37 14.58
C GLN D 53 -26.12 27.62 14.42
N ALA D 54 -26.74 27.32 15.56
CA ALA D 54 -28.03 26.66 15.59
C ALA D 54 -28.84 27.26 16.73
N PHE D 55 -30.15 27.19 16.59
CA PHE D 55 -31.08 27.53 17.66
C PHE D 55 -31.96 26.32 17.90
N VAL D 56 -31.91 25.76 19.11
CA VAL D 56 -32.80 24.68 19.50
C VAL D 56 -33.88 25.28 20.39
N ILE D 57 -35.14 25.08 20.00
CA ILE D 57 -36.30 25.63 20.71
C ILE D 57 -36.93 24.50 21.50
N PHE D 58 -36.82 24.57 22.81
CA PHE D 58 -37.43 23.56 23.65
C PHE D 58 -38.86 23.98 23.98
N LYS D 59 -39.70 23.01 24.32
CA LYS D 59 -41.04 23.35 24.76
C LYS D 59 -41.02 24.00 26.15
N GLU D 60 -40.19 23.47 27.05
CA GLU D 60 -40.09 23.93 28.41
C GLU D 60 -38.70 24.50 28.63
N VAL D 61 -38.61 25.60 29.40
CA VAL D 61 -37.30 26.16 29.71
C VAL D 61 -36.45 25.14 30.45
N SER D 62 -37.03 24.42 31.41
CA SER D 62 -36.22 23.51 32.22
C SER D 62 -35.46 22.52 31.34
N SER D 63 -36.09 22.11 30.23
CA SER D 63 -35.41 21.26 29.27
C SER D 63 -34.23 22.00 28.63
N ALA D 64 -34.38 23.30 28.41
CA ALA D 64 -33.31 24.07 27.78
C ALA D 64 -32.12 24.22 28.70
N THR D 65 -32.36 24.65 29.94
CA THR D 65 -31.31 24.74 30.94
C THR D 65 -30.59 23.41 31.10
N ASN D 66 -31.33 22.35 31.39
CA ASN D 66 -30.70 21.05 31.59
C ASN D 66 -29.81 20.69 30.41
N ALA D 67 -30.27 20.96 29.18
CA ALA D 67 -29.46 20.73 28.00
C ALA D 67 -28.25 21.66 27.94
N LEU D 68 -28.48 22.97 28.18
CA LEU D 68 -27.43 23.98 28.03
C LEU D 68 -26.15 23.58 28.74
N ARG D 69 -26.21 23.39 30.03
CA ARG D 69 -24.97 23.20 30.76
C ARG D 69 -24.61 21.73 30.93
N SER D 70 -25.44 20.77 30.51
CA SER D 70 -24.95 19.39 30.50
C SER D 70 -24.28 19.00 29.19
N MET D 71 -24.60 19.69 28.08
CA MET D 71 -23.99 19.47 26.78
C MET D 71 -22.93 20.51 26.47
N GLN D 72 -22.68 21.43 27.39
CA GLN D 72 -21.65 22.44 27.19
C GLN D 72 -20.30 21.79 26.91
N GLY D 73 -19.71 22.15 25.77
CA GLY D 73 -18.45 21.59 25.33
C GLY D 73 -18.52 20.20 24.71
N PHE D 74 -19.71 19.64 24.55
CA PHE D 74 -19.83 18.29 24.02
C PHE D 74 -19.15 18.21 22.65
N PRO D 75 -18.26 17.24 22.43
CA PRO D 75 -17.62 17.13 21.10
C PRO D 75 -18.64 16.70 20.06
N PHE D 76 -18.72 17.46 18.97
CA PHE D 76 -19.78 17.27 17.97
C PHE D 76 -19.21 17.55 16.59
N TYR D 77 -19.07 16.50 15.78
CA TYR D 77 -18.39 16.60 14.49
C TYR D 77 -17.01 17.24 14.68
N ASP D 78 -16.32 16.78 15.73
CA ASP D 78 -14.93 17.13 16.00
C ASP D 78 -14.76 18.58 16.41
N LYS D 79 -15.79 19.19 17.03
CA LYS D 79 -15.67 20.53 17.61
C LYS D 79 -16.53 20.62 18.86
N PRO D 80 -16.00 21.19 19.94
CA PRO D 80 -16.81 21.36 21.15
C PRO D 80 -17.88 22.42 20.97
N MET D 81 -19.12 22.03 21.29
CA MET D 81 -20.26 22.94 21.29
C MET D 81 -20.11 24.06 22.30
N ARG D 82 -20.41 25.29 21.88
CA ARG D 82 -20.53 26.38 22.83
C ARG D 82 -22.01 26.75 22.90
N ILE D 83 -22.59 26.61 24.10
CA ILE D 83 -24.02 26.74 24.32
C ILE D 83 -24.30 27.86 25.30
N GLN D 84 -25.15 28.76 24.89
CA GLN D 84 -25.62 29.88 25.67
C GLN D 84 -27.12 30.04 25.36
N TYR D 85 -27.81 30.80 26.19
CA TYR D 85 -29.23 31.10 25.95
C TYR D 85 -29.36 32.12 24.83
N ALA D 86 -30.40 31.97 24.00
CA ALA D 86 -30.72 33.03 23.04
C ALA D 86 -31.07 34.31 23.79
N LYS D 87 -30.61 35.45 23.26
CA LYS D 87 -30.83 36.74 23.90
C LYS D 87 -32.28 37.23 23.76
N THR D 88 -33.01 36.73 22.77
CA THR D 88 -34.43 37.03 22.62
C THR D 88 -35.22 35.73 22.59
N ASP D 89 -36.53 35.83 22.79
CA ASP D 89 -37.40 34.67 22.60
C ASP D 89 -37.50 34.34 21.12
N SER D 90 -37.52 33.04 20.80
CA SER D 90 -37.83 32.64 19.44
C SER D 90 -39.25 33.06 19.08
N ASP D 91 -39.48 33.22 17.77
CA ASP D 91 -40.78 33.73 17.32
C ASP D 91 -41.92 32.83 17.78
N ILE D 92 -41.78 31.51 17.60
CA ILE D 92 -42.84 30.56 17.93
C ILE D 92 -43.18 30.61 19.43
N ILE D 93 -42.22 31.04 20.26
CA ILE D 93 -42.44 31.03 21.70
C ILE D 93 -43.16 32.30 22.15
N ALA D 94 -42.82 33.44 21.56
CA ALA D 94 -43.41 34.71 21.97
C ALA D 94 -44.71 35.04 21.23
N LYS D 95 -45.27 34.08 20.49
CA LYS D 95 -46.52 34.28 19.76
C LYS D 95 -47.67 33.50 20.39
N ALA E 1 5.18 -25.94 36.72
CA ALA E 1 4.18 -25.13 36.05
C ALA E 1 4.13 -25.44 34.57
N VAL E 2 3.02 -25.07 33.95
CA VAL E 2 2.91 -25.10 32.48
C VAL E 2 3.56 -23.87 31.93
N PRO E 3 4.38 -23.99 30.87
CA PRO E 3 5.12 -22.83 30.36
C PRO E 3 4.26 -21.98 29.43
N GLU E 4 4.25 -20.68 29.71
CA GLU E 4 3.67 -19.69 28.81
C GLU E 4 4.30 -19.80 27.42
N THR E 5 3.45 -19.88 26.38
CA THR E 5 3.95 -19.96 25.02
C THR E 5 4.78 -18.72 24.68
N ARG E 6 5.91 -18.95 24.00
CA ARG E 6 6.84 -17.87 23.68
C ARG E 6 6.30 -17.00 22.56
N PRO E 7 6.10 -15.71 22.80
CA PRO E 7 5.63 -14.80 21.74
C PRO E 7 6.61 -14.74 20.58
N ASN E 8 6.09 -14.20 19.46
CA ASN E 8 6.79 -14.06 18.19
C ASN E 8 6.11 -12.94 17.42
N HIS E 9 6.89 -12.17 16.65
CA HIS E 9 6.15 -11.21 15.82
C HIS E 9 5.42 -11.86 14.65
N THR E 10 5.53 -13.17 14.48
CA THR E 10 4.82 -13.85 13.41
C THR E 10 3.82 -14.81 14.04
N ILE E 11 2.61 -14.81 13.48
CA ILE E 11 1.55 -15.69 13.95
C ILE E 11 1.31 -16.74 12.88
N TYR E 12 1.05 -17.96 13.34
CA TYR E 12 0.69 -19.09 12.49
C TYR E 12 -0.83 -19.23 12.49
N ILE E 13 -1.44 -19.13 11.31
CA ILE E 13 -2.89 -19.24 11.15
C ILE E 13 -3.19 -20.52 10.38
N ASN E 14 -4.22 -21.25 10.81
CA ASN E 14 -4.69 -22.39 10.05
C ASN E 14 -6.19 -22.58 10.30
N ASN E 15 -6.70 -23.74 9.88
CA ASN E 15 -8.13 -23.91 9.68
C ASN E 15 -8.68 -22.82 8.78
N LEU E 16 -7.90 -22.46 7.77
CA LEU E 16 -8.35 -21.55 6.73
C LEU E 16 -9.01 -22.36 5.62
N ASN E 17 -10.02 -21.74 4.98
CA ASN E 17 -10.66 -22.24 3.77
C ASN E 17 -9.66 -22.47 2.64
N GLU E 18 -9.46 -23.73 2.24
CA GLU E 18 -8.46 -24.04 1.22
C GLU E 18 -8.93 -23.74 -0.19
N LYS E 19 -10.20 -23.38 -0.36
CA LYS E 19 -10.76 -23.10 -1.68
C LYS E 19 -10.42 -21.72 -2.19
N ILE E 20 -9.77 -20.89 -1.38
CA ILE E 20 -9.48 -19.50 -1.73
C ILE E 20 -8.14 -19.46 -2.43
N LYS E 21 -8.09 -18.84 -3.60
CA LYS E 21 -6.80 -18.65 -4.23
C LYS E 21 -5.84 -17.91 -3.32
N LYS E 22 -4.56 -18.30 -3.37
CA LYS E 22 -3.63 -17.83 -2.34
C LYS E 22 -3.43 -16.32 -2.39
N ASP E 23 -3.62 -15.69 -3.55
CA ASP E 23 -3.34 -14.26 -3.59
C ASP E 23 -4.50 -13.41 -3.09
N GLU E 24 -5.72 -13.93 -3.23
CA GLU E 24 -6.85 -13.31 -2.55
C GLU E 24 -6.70 -13.48 -1.05
N LEU E 25 -6.26 -14.66 -0.62
CA LEU E 25 -6.18 -14.95 0.80
C LEU E 25 -5.30 -13.95 1.53
N LYS E 26 -4.12 -13.67 0.97
CA LYS E 26 -3.24 -12.64 1.52
C LYS E 26 -3.99 -11.32 1.68
N LYS E 27 -4.66 -10.87 0.61
CA LYS E 27 -5.28 -9.55 0.61
C LYS E 27 -6.42 -9.48 1.61
N SER E 28 -7.22 -10.54 1.71
CA SER E 28 -8.26 -10.59 2.72
C SER E 28 -7.67 -10.64 4.13
N LEU E 29 -6.52 -11.32 4.29
CA LEU E 29 -5.88 -11.36 5.59
C LEU E 29 -5.41 -9.96 5.98
N HIS E 30 -4.77 -9.26 5.05
CA HIS E 30 -4.32 -7.91 5.35
C HIS E 30 -5.48 -7.03 5.78
N ALA E 31 -6.68 -7.31 5.29
CA ALA E 31 -7.83 -6.46 5.57
C ALA E 31 -8.25 -6.53 7.02
N ILE E 32 -8.17 -7.72 7.61
CA ILE E 32 -8.61 -7.91 9.00
C ILE E 32 -7.45 -7.83 10.00
N PHE E 33 -6.21 -7.80 9.54
CA PHE E 33 -5.08 -7.87 10.45
C PHE E 33 -4.20 -6.64 10.47
N SER E 34 -4.40 -5.67 9.57
CA SER E 34 -3.55 -4.49 9.59
C SER E 34 -3.89 -3.53 10.74
N ARG E 35 -5.04 -3.71 11.39
CA ARG E 35 -5.40 -2.82 12.49
C ARG E 35 -4.52 -3.03 13.72
N PHE E 36 -3.94 -4.22 13.87
CA PHE E 36 -3.15 -4.48 15.05
C PHE E 36 -1.75 -3.93 14.94
N GLY E 37 -1.39 -3.38 13.79
CA GLY E 37 -0.07 -2.81 13.62
C GLY E 37 0.57 -3.21 12.31
N GLN E 38 1.75 -2.67 12.02
CA GLN E 38 2.34 -2.85 10.69
C GLN E 38 2.63 -4.31 10.41
N ILE E 39 2.24 -4.73 9.21
CA ILE E 39 2.55 -6.05 8.67
C ILE E 39 3.77 -5.92 7.77
N LEU E 40 4.74 -6.82 7.94
CA LEU E 40 5.90 -6.78 7.06
C LEU E 40 5.73 -7.70 5.85
N ASP E 41 4.97 -8.79 6.00
CA ASP E 41 4.72 -9.72 4.90
C ASP E 41 3.64 -10.69 5.36
N ILE E 42 2.94 -11.29 4.40
CA ILE E 42 2.01 -12.39 4.65
C ILE E 42 2.46 -13.53 3.76
N LEU E 43 2.57 -14.72 4.35
CA LEU E 43 3.16 -15.87 3.68
C LEU E 43 2.08 -16.91 3.44
N VAL E 44 1.81 -17.20 2.16
CA VAL E 44 0.89 -18.25 1.76
C VAL E 44 1.56 -19.05 0.66
N SER E 45 1.15 -20.31 0.52
CA SER E 45 1.74 -21.17 -0.49
C SER E 45 0.70 -22.14 -1.05
N ARG E 46 0.93 -22.58 -2.28
CA ARG E 46 0.07 -23.58 -2.89
C ARG E 46 0.57 -24.99 -2.62
N SER E 47 1.76 -25.14 -2.02
CA SER E 47 2.27 -26.46 -1.70
C SER E 47 1.39 -27.13 -0.66
N LEU E 48 1.26 -28.47 -0.79
CA LEU E 48 0.56 -29.25 0.22
C LEU E 48 0.96 -28.93 1.65
N LYS E 49 2.19 -28.43 1.88
CA LYS E 49 2.60 -28.06 3.23
C LYS E 49 1.71 -26.96 3.80
N MET E 50 1.46 -25.93 3.00
CA MET E 50 0.85 -24.71 3.44
C MET E 50 -0.66 -24.71 3.23
N ARG E 51 -1.23 -25.86 2.88
CA ARG E 51 -2.65 -25.98 2.58
C ARG E 51 -3.51 -25.59 3.77
N GLY E 52 -4.25 -24.50 3.65
CA GLY E 52 -5.12 -24.04 4.72
C GLY E 52 -4.45 -23.22 5.79
N GLN E 53 -3.31 -22.60 5.49
CA GLN E 53 -2.45 -22.02 6.50
C GLN E 53 -1.78 -20.76 5.97
N ALA E 54 -1.34 -19.91 6.90
CA ALA E 54 -0.57 -18.72 6.54
C ALA E 54 0.20 -18.22 7.76
N PHE E 55 1.13 -17.32 7.50
CA PHE E 55 1.91 -16.61 8.51
C PHE E 55 1.72 -15.12 8.28
N VAL E 56 1.39 -14.38 9.32
CA VAL E 56 1.32 -12.92 9.23
C VAL E 56 2.46 -12.34 10.06
N ILE E 57 3.45 -11.76 9.39
CA ILE E 57 4.65 -11.29 10.05
C ILE E 57 4.46 -9.82 10.39
N PHE E 58 4.37 -9.53 11.69
CA PHE E 58 4.27 -8.16 12.18
C PHE E 58 5.65 -7.60 12.46
N LYS E 59 5.73 -6.27 12.52
CA LYS E 59 6.96 -5.63 12.99
C LYS E 59 7.13 -5.81 14.50
N GLU E 60 6.15 -5.38 15.28
CA GLU E 60 6.22 -5.43 16.73
C GLU E 60 5.57 -6.70 17.28
N VAL E 61 6.26 -7.36 18.22
CA VAL E 61 5.71 -8.57 18.83
C VAL E 61 4.42 -8.26 19.58
N SER E 62 4.31 -7.05 20.12
CA SER E 62 3.06 -6.66 20.78
C SER E 62 1.88 -6.78 19.82
N SER E 63 2.11 -6.45 18.53
CA SER E 63 1.04 -6.48 17.54
C SER E 63 0.54 -7.90 17.28
N ALA E 64 1.46 -8.86 17.18
CA ALA E 64 1.04 -10.25 16.99
C ALA E 64 0.28 -10.78 18.21
N THR E 65 0.60 -10.30 19.42
CA THR E 65 -0.13 -10.75 20.62
C THR E 65 -1.55 -10.21 20.63
N ASN E 66 -1.75 -8.96 20.23
CA ASN E 66 -3.09 -8.39 20.16
C ASN E 66 -3.91 -9.10 19.09
N ALA E 67 -3.29 -9.41 17.94
CA ALA E 67 -4.00 -10.07 16.85
C ALA E 67 -4.30 -11.52 17.20
N LEU E 68 -3.34 -12.21 17.82
CA LEU E 68 -3.60 -13.58 18.25
C LEU E 68 -4.75 -13.62 19.24
N ARG E 69 -4.78 -12.69 20.19
CA ARG E 69 -5.80 -12.72 21.24
C ARG E 69 -7.15 -12.23 20.71
N SER E 70 -7.15 -11.17 19.89
CA SER E 70 -8.40 -10.58 19.43
C SER E 70 -9.08 -11.40 18.34
N MET E 71 -8.33 -12.04 17.44
CA MET E 71 -8.93 -12.73 16.30
C MET E 71 -8.94 -14.25 16.45
N GLN E 72 -8.69 -14.77 17.63
CA GLN E 72 -8.74 -16.22 17.81
C GLN E 72 -10.17 -16.70 17.53
N GLY E 73 -10.29 -17.70 16.65
CA GLY E 73 -11.60 -18.23 16.31
C GLY E 73 -12.49 -17.31 15.49
N PHE E 74 -11.95 -16.22 14.96
CA PHE E 74 -12.73 -15.34 14.11
C PHE E 74 -13.16 -16.06 12.84
N PRO E 75 -14.42 -15.95 12.43
CA PRO E 75 -14.93 -16.68 11.24
C PRO E 75 -14.53 -15.97 9.95
N PHE E 76 -13.86 -16.71 9.08
CA PHE E 76 -13.15 -16.17 7.92
C PHE E 76 -13.41 -17.12 6.78
N TYR E 77 -14.10 -16.66 5.74
CA TYR E 77 -14.56 -17.57 4.70
C TYR E 77 -15.35 -18.72 5.31
N ASP E 78 -16.15 -18.38 6.31
CA ASP E 78 -17.14 -19.25 6.93
C ASP E 78 -16.46 -20.39 7.72
N LYS E 79 -15.27 -20.13 8.26
CA LYS E 79 -14.41 -21.11 8.93
C LYS E 79 -13.61 -20.39 10.01
N PRO E 80 -13.74 -20.79 11.28
CA PRO E 80 -13.08 -20.02 12.37
C PRO E 80 -11.56 -20.22 12.39
N MET E 81 -10.83 -19.11 12.50
CA MET E 81 -9.36 -19.13 12.43
C MET E 81 -8.77 -19.70 13.72
N ARG E 82 -7.79 -20.58 13.57
CA ARG E 82 -6.99 -21.02 14.70
C ARG E 82 -5.65 -20.31 14.62
N ILE E 83 -5.30 -19.55 15.65
CA ILE E 83 -4.10 -18.73 15.62
C ILE E 83 -3.16 -19.13 16.75
N GLN E 84 -1.87 -19.15 16.42
CA GLN E 84 -0.81 -19.42 17.37
C GLN E 84 0.41 -18.62 16.93
N TYR E 85 1.28 -18.32 17.89
CA TYR E 85 2.62 -17.80 17.58
C TYR E 85 3.39 -18.82 16.75
N ALA E 86 4.12 -18.32 15.75
CA ALA E 86 5.13 -19.11 15.05
C ALA E 86 6.30 -19.45 15.98
N LYS E 87 7.00 -20.55 15.68
CA LYS E 87 8.04 -21.03 16.60
C LYS E 87 9.40 -20.39 16.32
N THR E 88 9.92 -20.60 15.11
CA THR E 88 11.25 -20.11 14.73
C THR E 88 11.24 -19.67 13.28
N ASP E 89 12.29 -18.93 12.91
CA ASP E 89 12.48 -18.59 11.50
C ASP E 89 12.72 -19.84 10.67
N SER E 90 13.47 -20.81 11.21
CA SER E 90 13.71 -22.04 10.47
C SER E 90 12.43 -22.85 10.28
N ASP E 91 11.47 -22.74 11.20
CA ASP E 91 10.22 -23.47 11.04
C ASP E 91 9.41 -22.89 9.89
N ILE E 92 9.39 -21.56 9.76
CA ILE E 92 8.68 -20.94 8.64
C ILE E 92 9.34 -21.31 7.32
N ILE E 93 10.68 -21.32 7.28
CA ILE E 93 11.37 -21.59 6.03
C ILE E 93 11.06 -23.00 5.55
N ALA E 94 10.88 -23.94 6.48
CA ALA E 94 10.56 -25.30 6.07
C ALA E 94 9.18 -25.38 5.39
N LYS E 95 8.13 -24.89 6.07
CA LYS E 95 6.83 -25.05 5.46
C LYS E 95 6.68 -24.11 4.25
N MET E 96 7.55 -23.11 4.10
CA MET E 96 7.48 -22.27 2.91
C MET E 96 8.30 -22.79 1.75
N LYS E 97 9.03 -23.89 1.91
CA LYS E 97 9.66 -24.52 0.74
C LYS E 97 8.67 -25.38 -0.04
N ARG F 6 -35.22 0.31 9.05
CA ARG F 6 -36.24 -0.43 8.31
C ARG F 6 -35.68 -1.76 7.79
N PRO F 7 -35.65 -2.80 8.64
CA PRO F 7 -34.96 -4.06 8.28
C PRO F 7 -35.30 -4.53 6.87
N ASN F 8 -34.30 -5.13 6.20
CA ASN F 8 -34.22 -5.20 4.74
C ASN F 8 -33.16 -6.23 4.33
N HIS F 9 -33.30 -6.77 3.12
CA HIS F 9 -32.37 -7.77 2.58
C HIS F 9 -30.93 -7.27 2.47
N THR F 10 -30.73 -5.97 2.44
CA THR F 10 -29.45 -5.38 2.04
C THR F 10 -28.94 -4.42 3.10
N ILE F 11 -27.63 -4.49 3.34
CA ILE F 11 -26.98 -3.59 4.26
C ILE F 11 -26.19 -2.58 3.45
N TYR F 12 -26.04 -1.40 4.03
CA TYR F 12 -25.30 -0.30 3.45
C TYR F 12 -24.13 0.00 4.38
N ILE F 13 -22.91 -0.28 3.92
CA ILE F 13 -21.68 -0.10 4.68
C ILE F 13 -20.98 1.17 4.19
N ASN F 14 -20.58 2.03 5.11
CA ASN F 14 -19.74 3.15 4.70
C ASN F 14 -18.54 3.26 5.65
N ASN F 15 -17.85 4.40 5.61
CA ASN F 15 -16.55 4.57 6.28
C ASN F 15 -15.60 3.44 5.89
N LEU F 16 -15.65 3.05 4.62
CA LEU F 16 -14.71 2.07 4.10
C LEU F 16 -13.46 2.77 3.57
N ASN F 17 -12.31 2.14 3.81
CA ASN F 17 -11.05 2.61 3.25
C ASN F 17 -11.19 2.84 1.74
N GLU F 18 -10.92 4.05 1.28
CA GLU F 18 -11.19 4.36 -0.13
C GLU F 18 -9.98 4.10 -1.01
N LYS F 19 -8.80 3.95 -0.43
CA LYS F 19 -7.59 3.68 -1.19
C LYS F 19 -7.40 2.18 -1.46
N ILE F 20 -8.49 1.43 -1.59
CA ILE F 20 -8.47 0.03 -1.97
C ILE F 20 -9.31 -0.23 -3.23
N LYS F 21 -8.76 -1.08 -4.11
CA LYS F 21 -9.34 -1.41 -5.40
C LYS F 21 -10.65 -2.18 -5.26
N LYS F 22 -11.54 -1.96 -6.23
CA LYS F 22 -12.89 -2.47 -6.16
C LYS F 22 -12.92 -4.00 -6.09
N ASP F 23 -12.06 -4.66 -6.86
CA ASP F 23 -12.13 -6.12 -6.93
C ASP F 23 -11.75 -6.74 -5.61
N GLU F 24 -10.73 -6.16 -4.97
CA GLU F 24 -10.26 -6.66 -3.68
C GLU F 24 -11.26 -6.36 -2.58
N LEU F 25 -11.77 -5.13 -2.55
CA LEU F 25 -12.78 -4.76 -1.56
C LEU F 25 -13.92 -5.78 -1.54
N LYS F 26 -14.48 -6.08 -2.72
CA LYS F 26 -15.57 -7.05 -2.80
C LYS F 26 -15.17 -8.40 -2.21
N LYS F 27 -14.05 -8.95 -2.69
CA LYS F 27 -13.57 -10.24 -2.19
C LYS F 27 -13.27 -10.21 -0.70
N SER F 28 -12.77 -9.09 -0.17
CA SER F 28 -12.55 -9.00 1.26
C SER F 28 -13.86 -8.88 2.04
N LEU F 29 -14.82 -8.10 1.52
CA LEU F 29 -16.10 -7.99 2.21
C LEU F 29 -16.82 -9.33 2.24
N HIS F 30 -16.58 -10.19 1.24
CA HIS F 30 -17.17 -11.52 1.26
C HIS F 30 -16.54 -12.39 2.34
N ALA F 31 -15.23 -12.30 2.52
CA ALA F 31 -14.52 -13.13 3.50
C ALA F 31 -15.09 -12.94 4.91
N ILE F 32 -15.55 -11.73 5.22
CA ILE F 32 -16.04 -11.43 6.55
C ILE F 32 -17.56 -11.45 6.67
N PHE F 33 -18.29 -11.37 5.54
CA PHE F 33 -19.74 -11.36 5.66
C PHE F 33 -20.40 -12.66 5.24
N SER F 34 -19.65 -13.63 4.73
CA SER F 34 -20.27 -14.87 4.25
C SER F 34 -20.83 -15.68 5.41
N ARG F 35 -20.13 -15.67 6.56
CA ARG F 35 -20.64 -16.28 7.77
C ARG F 35 -22.13 -16.07 7.99
N PHE F 36 -22.67 -14.90 7.65
CA PHE F 36 -24.05 -14.57 8.02
C PHE F 36 -25.10 -15.11 7.05
N GLY F 37 -24.75 -15.36 5.81
CA GLY F 37 -25.72 -15.92 4.89
C GLY F 37 -25.15 -15.95 3.49
N GLN F 38 -25.95 -16.49 2.58
CA GLN F 38 -25.58 -16.47 1.16
C GLN F 38 -25.66 -15.04 0.66
N ILE F 39 -24.51 -14.48 0.26
CA ILE F 39 -24.45 -13.14 -0.31
C ILE F 39 -24.85 -13.21 -1.78
N LEU F 40 -25.99 -12.60 -2.12
CA LEU F 40 -26.43 -12.62 -3.51
C LEU F 40 -25.55 -11.74 -4.37
N ASP F 41 -25.09 -10.61 -3.83
CA ASP F 41 -24.18 -9.74 -4.55
C ASP F 41 -23.57 -8.75 -3.57
N ILE F 42 -22.39 -8.25 -3.92
CA ILE F 42 -21.75 -7.15 -3.22
C ILE F 42 -21.56 -6.03 -4.22
N LEU F 43 -22.07 -4.85 -3.91
CA LEU F 43 -22.08 -3.73 -4.83
C LEU F 43 -21.05 -2.70 -4.35
N VAL F 44 -19.98 -2.56 -5.12
CA VAL F 44 -18.92 -1.61 -4.80
C VAL F 44 -18.69 -0.77 -6.04
N SER F 45 -18.30 0.48 -5.84
CA SER F 45 -17.86 1.33 -6.94
C SER F 45 -17.06 2.48 -6.34
N ARG F 46 -16.12 3.01 -7.13
CA ARG F 46 -15.19 4.02 -6.67
C ARG F 46 -15.50 5.39 -7.26
N SER F 47 -16.69 5.56 -7.82
CA SER F 47 -17.16 6.86 -8.24
C SER F 47 -17.24 7.81 -7.05
N LEU F 48 -17.24 9.11 -7.34
CA LEU F 48 -17.52 10.12 -6.33
C LEU F 48 -18.77 9.83 -5.52
N LYS F 49 -19.71 9.05 -6.04
CA LYS F 49 -20.97 8.79 -5.38
C LYS F 49 -20.93 7.51 -4.54
N MET F 50 -20.11 6.55 -4.91
CA MET F 50 -20.04 5.28 -4.20
C MET F 50 -18.76 5.05 -3.41
N ARG F 51 -17.77 5.94 -3.52
CA ARG F 51 -16.47 5.63 -2.95
C ARG F 51 -16.54 5.62 -1.42
N GLY F 52 -15.92 4.62 -0.82
CA GLY F 52 -16.01 4.38 0.60
C GLY F 52 -17.27 3.66 1.05
N GLN F 53 -18.05 3.09 0.13
CA GLN F 53 -19.33 2.52 0.49
C GLN F 53 -19.53 1.19 -0.23
N ALA F 54 -20.41 0.37 0.30
CA ALA F 54 -20.79 -0.85 -0.41
C ALA F 54 -22.17 -1.27 0.04
N PHE F 55 -22.80 -2.08 -0.82
CA PHE F 55 -24.03 -2.77 -0.49
C PHE F 55 -23.73 -4.26 -0.49
N VAL F 56 -24.23 -4.97 0.51
CA VAL F 56 -24.18 -6.43 0.55
C VAL F 56 -25.62 -6.92 0.63
N ILE F 57 -26.00 -7.78 -0.32
CA ILE F 57 -27.37 -8.28 -0.44
C ILE F 57 -27.39 -9.73 0.00
N PHE F 58 -28.23 -10.03 0.99
CA PHE F 58 -28.34 -11.39 1.48
C PHE F 58 -29.62 -12.02 0.95
N LYS F 59 -29.59 -13.35 0.82
CA LYS F 59 -30.80 -14.07 0.46
C LYS F 59 -31.94 -13.75 1.41
N GLU F 60 -31.67 -13.80 2.73
CA GLU F 60 -32.70 -13.65 3.74
C GLU F 60 -32.44 -12.40 4.57
N VAL F 61 -33.53 -11.78 5.04
CA VAL F 61 -33.41 -10.58 5.87
C VAL F 61 -32.76 -10.93 7.20
N SER F 62 -33.00 -12.15 7.70
CA SER F 62 -32.39 -12.65 8.93
C SER F 62 -30.89 -12.35 8.94
N SER F 63 -30.26 -12.64 7.81
CA SER F 63 -28.81 -12.57 7.72
C SER F 63 -28.32 -11.14 7.71
N ALA F 64 -29.07 -10.23 7.09
CA ALA F 64 -28.65 -8.83 7.10
C ALA F 64 -28.75 -8.25 8.50
N THR F 65 -29.74 -8.68 9.29
CA THR F 65 -29.88 -8.17 10.65
C THR F 65 -28.71 -8.60 11.52
N ASN F 66 -28.36 -9.89 11.49
CA ASN F 66 -27.25 -10.39 12.31
C ASN F 66 -25.94 -9.74 11.87
N ALA F 67 -25.72 -9.66 10.57
CA ALA F 67 -24.53 -8.98 10.04
C ALA F 67 -24.45 -7.54 10.51
N LEU F 68 -25.56 -6.80 10.44
CA LEU F 68 -25.52 -5.40 10.82
C LEU F 68 -25.17 -5.22 12.29
N ARG F 69 -25.72 -6.05 13.16
CA ARG F 69 -25.43 -5.90 14.58
C ARG F 69 -24.06 -6.48 14.93
N SER F 70 -23.74 -7.66 14.39
CA SER F 70 -22.53 -8.36 14.74
C SER F 70 -21.28 -7.66 14.20
N MET F 71 -21.36 -7.07 13.01
CA MET F 71 -20.20 -6.48 12.37
C MET F 71 -20.16 -4.96 12.51
N GLN F 72 -21.03 -4.39 13.33
CA GLN F 72 -20.99 -2.94 13.53
C GLN F 72 -19.62 -2.50 14.04
N GLY F 73 -19.12 -1.41 13.46
CA GLY F 73 -17.85 -0.85 13.86
C GLY F 73 -16.65 -1.77 13.66
N PHE F 74 -16.84 -2.88 12.96
CA PHE F 74 -15.78 -3.87 12.86
C PHE F 74 -14.59 -3.29 12.11
N PRO F 75 -13.39 -3.31 12.71
CA PRO F 75 -12.21 -2.75 12.04
C PRO F 75 -11.81 -3.55 10.81
N PHE F 76 -11.53 -2.83 9.74
CA PHE F 76 -11.46 -3.39 8.40
C PHE F 76 -10.63 -2.41 7.59
N TYR F 77 -9.56 -2.88 6.96
CA TYR F 77 -8.61 -1.95 6.38
C TYR F 77 -8.36 -0.72 7.26
N ASP F 78 -8.16 -0.93 8.56
CA ASP F 78 -7.79 0.11 9.54
C ASP F 78 -8.91 1.08 9.86
N LYS F 79 -10.13 0.82 9.42
CA LYS F 79 -11.25 1.73 9.63
C LYS F 79 -12.41 0.93 10.18
N PRO F 80 -13.16 1.48 11.13
CA PRO F 80 -14.36 0.78 11.60
C PRO F 80 -15.56 1.16 10.76
N MET F 81 -16.29 0.16 10.28
CA MET F 81 -17.39 0.36 9.34
C MET F 81 -18.69 0.66 10.07
N ARG F 82 -19.46 1.61 9.53
CA ARG F 82 -20.88 1.70 9.83
C ARG F 82 -21.64 0.77 8.91
N ILE F 83 -22.50 -0.04 9.50
CA ILE F 83 -23.42 -0.85 8.72
C ILE F 83 -24.82 -0.31 9.02
N GLN F 84 -25.43 0.32 8.03
CA GLN F 84 -26.82 0.73 8.16
C GLN F 84 -27.65 -0.15 7.21
N TYR F 85 -28.96 -0.12 7.40
CA TYR F 85 -29.83 -0.84 6.50
C TYR F 85 -29.89 -0.10 5.17
N ALA F 86 -29.96 -0.86 4.09
CA ALA F 86 -30.02 -0.20 2.81
C ALA F 86 -31.43 0.32 2.56
N LYS F 87 -31.50 1.45 1.86
CA LYS F 87 -32.77 2.01 1.46
C LYS F 87 -33.41 1.12 0.40
N THR F 88 -34.10 1.73 -0.54
CA THR F 88 -34.85 0.99 -1.53
C THR F 88 -33.97 0.63 -2.73
N ASP F 89 -34.39 -0.41 -3.46
CA ASP F 89 -33.71 -0.79 -4.69
C ASP F 89 -33.52 0.41 -5.61
N SER F 90 -34.53 1.29 -5.65
CA SER F 90 -34.45 2.50 -6.47
C SER F 90 -33.31 3.40 -6.00
N ASP F 91 -33.21 3.61 -4.68
CA ASP F 91 -32.12 4.42 -4.14
C ASP F 91 -30.78 3.82 -4.50
N ILE F 92 -30.69 2.49 -4.50
CA ILE F 92 -29.41 1.81 -4.73
C ILE F 92 -29.01 1.95 -6.19
N ILE F 93 -29.95 1.70 -7.11
CA ILE F 93 -29.64 1.77 -8.53
C ILE F 93 -29.19 3.17 -8.90
N ALA F 94 -29.73 4.19 -8.21
CA ALA F 94 -29.26 5.55 -8.46
C ALA F 94 -27.82 5.78 -7.96
N LYS F 95 -27.40 5.14 -6.85
CA LYS F 95 -26.03 5.40 -6.36
C LYS F 95 -24.97 4.71 -7.21
N MET F 96 -25.31 3.60 -7.86
CA MET F 96 -24.43 3.05 -8.89
C MET F 96 -24.65 3.80 -10.19
N LYS F 97 -23.61 3.85 -11.02
CA LYS F 97 -23.71 4.71 -12.20
C LYS F 97 -22.89 4.18 -13.36
N GLU G 4 47.08 9.11 16.75
CA GLU G 4 46.19 8.28 17.57
C GLU G 4 46.40 6.79 17.27
N THR G 5 45.69 5.93 18.02
CA THR G 5 45.94 4.48 18.04
C THR G 5 47.44 4.17 18.03
N ARG G 6 47.98 4.19 19.19
CA ARG G 6 49.33 3.99 19.61
C ARG G 6 49.74 2.57 19.24
N PRO G 7 50.99 2.37 18.80
CA PRO G 7 51.40 1.04 18.32
C PRO G 7 51.31 -0.03 19.42
N ASN G 8 50.53 -1.06 19.13
CA ASN G 8 50.29 -2.17 20.04
C ASN G 8 50.69 -3.46 19.34
N HIS G 9 51.12 -4.46 20.12
CA HIS G 9 51.49 -5.72 19.49
C HIS G 9 50.27 -6.45 18.93
N THR G 10 49.07 -6.18 19.42
CA THR G 10 47.86 -6.72 18.81
C THR G 10 47.35 -5.79 17.72
N ILE G 11 47.01 -6.38 16.56
CA ILE G 11 46.35 -5.70 15.47
C ILE G 11 44.91 -6.14 15.40
N TYR G 12 44.04 -5.20 15.06
CA TYR G 12 42.62 -5.43 14.92
C TYR G 12 42.29 -5.43 13.43
N ILE G 13 41.65 -6.50 12.97
CA ILE G 13 41.36 -6.69 11.55
C ILE G 13 39.86 -6.85 11.40
N ASN G 14 39.29 -6.23 10.36
CA ASN G 14 37.88 -6.42 10.05
C ASN G 14 37.73 -6.46 8.52
N ASN G 15 36.49 -6.24 8.04
CA ASN G 15 36.13 -6.45 6.64
C ASN G 15 36.51 -7.85 6.16
N LEU G 16 36.56 -8.81 7.06
CA LEU G 16 36.74 -10.21 6.74
C LEU G 16 35.40 -10.84 6.41
N ASN G 17 35.41 -11.82 5.52
CA ASN G 17 34.15 -12.48 5.20
C ASN G 17 33.71 -13.32 6.40
N GLU G 18 32.40 -13.28 6.67
CA GLU G 18 31.81 -13.77 7.90
C GLU G 18 31.31 -15.21 7.78
N LYS G 19 31.28 -15.72 6.55
CA LYS G 19 30.86 -17.08 6.26
C LYS G 19 31.95 -18.10 6.54
N ILE G 20 33.19 -17.67 6.70
CA ILE G 20 34.25 -18.65 6.91
C ILE G 20 34.27 -18.99 8.38
N LYS G 21 34.43 -20.27 8.64
CA LYS G 21 34.34 -20.79 9.98
C LYS G 21 35.51 -20.30 10.82
N LYS G 22 35.21 -20.05 12.09
CA LYS G 22 36.12 -19.47 13.06
C LYS G 22 37.51 -20.07 12.94
N ASP G 23 37.53 -21.39 13.00
CA ASP G 23 38.77 -22.12 13.07
C ASP G 23 39.53 -22.06 11.74
N GLU G 24 38.82 -22.24 10.61
CA GLU G 24 39.43 -22.02 9.29
C GLU G 24 40.02 -20.62 9.17
N LEU G 25 39.19 -19.60 9.39
CA LEU G 25 39.66 -18.22 9.43
C LEU G 25 40.91 -18.08 10.28
N LYS G 26 40.97 -18.83 11.38
CA LYS G 26 42.05 -18.63 12.32
C LYS G 26 43.37 -19.06 11.71
N LYS G 27 43.36 -20.20 11.03
CA LYS G 27 44.65 -20.67 10.58
C LYS G 27 45.00 -20.05 9.23
N SER G 28 44.01 -19.71 8.39
CA SER G 28 44.25 -18.83 7.24
C SER G 28 44.94 -17.52 7.66
N LEU G 29 44.45 -16.88 8.73
CA LEU G 29 45.16 -15.70 9.26
C LEU G 29 46.55 -16.06 9.75
N HIS G 30 46.71 -17.24 10.33
CA HIS G 30 48.01 -17.61 10.87
C HIS G 30 49.06 -17.67 9.77
N ALA G 31 48.68 -18.19 8.60
CA ALA G 31 49.63 -18.40 7.52
C ALA G 31 50.16 -17.07 6.98
N ILE G 32 49.25 -16.15 6.63
CA ILE G 32 49.65 -14.87 6.04
C ILE G 32 50.20 -13.88 7.06
N PHE G 33 50.16 -14.19 8.36
CA PHE G 33 50.67 -13.25 9.33
C PHE G 33 51.88 -13.77 10.11
N SER G 34 52.17 -15.08 10.06
CA SER G 34 53.33 -15.61 10.76
C SER G 34 54.65 -15.07 10.20
N ARG G 35 54.69 -14.68 8.91
CA ARG G 35 55.94 -14.18 8.33
C ARG G 35 56.37 -12.85 8.91
N PHE G 36 55.80 -12.38 10.02
CA PHE G 36 56.21 -11.15 10.63
C PHE G 36 56.75 -11.33 12.04
N GLY G 37 56.41 -12.44 12.70
CA GLY G 37 56.78 -12.67 14.07
C GLY G 37 56.08 -13.91 14.57
N GLN G 38 56.29 -14.20 15.86
CA GLN G 38 55.76 -15.42 16.47
C GLN G 38 54.42 -15.07 17.12
N ILE G 39 53.32 -15.51 16.49
CA ILE G 39 52.00 -15.21 17.02
C ILE G 39 51.81 -15.88 18.37
N LEU G 40 51.30 -15.11 19.34
CA LEU G 40 50.85 -15.71 20.60
C LEU G 40 49.40 -16.20 20.50
N ASP G 41 48.50 -15.38 19.93
CA ASP G 41 47.16 -15.86 19.71
C ASP G 41 46.46 -15.05 18.63
N ILE G 42 45.42 -15.67 18.07
CA ILE G 42 44.51 -15.03 17.13
C ILE G 42 43.10 -15.23 17.68
N LEU G 43 42.38 -14.15 17.87
CA LEU G 43 41.09 -14.17 18.55
C LEU G 43 40.01 -13.92 17.51
N VAL G 44 39.19 -14.95 17.27
CA VAL G 44 38.06 -14.87 16.35
C VAL G 44 36.81 -15.41 17.03
N SER G 45 35.67 -15.05 16.45
CA SER G 45 34.33 -15.34 16.97
C SER G 45 33.31 -14.73 16.00
N ARG G 46 32.21 -15.42 15.77
CA ARG G 46 31.12 -14.82 15.02
C ARG G 46 29.91 -14.49 15.90
N SER G 47 30.17 -13.92 17.06
CA SER G 47 29.11 -13.20 17.74
C SER G 47 28.71 -12.00 16.89
N LEU G 48 27.58 -11.38 17.24
CA LEU G 48 27.22 -10.11 16.60
C LEU G 48 28.35 -9.08 16.56
N LYS G 49 29.24 -9.10 17.51
CA LYS G 49 30.22 -8.02 17.46
C LYS G 49 31.67 -8.44 17.28
N MET G 50 31.91 -9.71 17.07
CA MET G 50 33.17 -10.16 16.55
C MET G 50 33.13 -10.81 15.18
N ARG G 51 31.98 -10.99 14.56
CA ARG G 51 31.99 -11.58 13.23
C ARG G 51 32.57 -10.60 12.22
N GLY G 52 33.26 -11.14 11.23
CA GLY G 52 33.88 -10.33 10.20
C GLY G 52 35.15 -9.63 10.62
N GLN G 53 35.68 -9.96 11.80
CA GLN G 53 36.79 -9.22 12.38
C GLN G 53 37.61 -10.18 13.24
N ALA G 54 38.85 -9.77 13.54
CA ALA G 54 39.77 -10.60 14.33
C ALA G 54 40.86 -9.75 14.98
N PHE G 55 41.48 -10.34 16.01
CA PHE G 55 42.63 -9.78 16.71
C PHE G 55 43.82 -10.73 16.53
N VAL G 56 45.01 -10.18 16.28
CA VAL G 56 46.20 -11.01 16.11
C VAL G 56 47.25 -10.55 17.11
N ILE G 57 47.77 -11.49 17.90
CA ILE G 57 48.66 -11.21 19.02
C ILE G 57 50.02 -11.86 18.77
N PHE G 58 51.05 -11.06 18.49
CA PHE G 58 52.45 -11.49 18.40
C PHE G 58 53.12 -11.27 19.75
N LYS G 59 54.39 -11.70 19.85
CA LYS G 59 55.22 -11.37 20.98
C LYS G 59 55.69 -9.92 20.95
N GLU G 60 56.10 -9.42 19.78
CA GLU G 60 56.72 -8.11 19.67
C GLU G 60 55.81 -7.12 18.95
N VAL G 61 56.01 -5.84 19.26
CA VAL G 61 55.28 -4.77 18.59
C VAL G 61 55.81 -4.53 17.18
N SER G 62 57.11 -4.78 16.93
CA SER G 62 57.64 -4.70 15.58
C SER G 62 56.94 -5.67 14.64
N SER G 63 56.66 -6.88 15.13
CA SER G 63 55.94 -7.86 14.31
C SER G 63 54.61 -7.29 13.82
N ALA G 64 53.89 -6.60 14.70
CA ALA G 64 52.56 -6.09 14.39
C ALA G 64 52.61 -4.85 13.52
N THR G 65 53.48 -3.89 13.85
CA THR G 65 53.59 -2.69 13.04
C THR G 65 53.94 -3.04 11.60
N ASN G 66 54.64 -4.16 11.40
CA ASN G 66 55.07 -4.59 10.07
C ASN G 66 53.96 -5.30 9.34
N ALA G 67 53.23 -6.17 10.05
CA ALA G 67 52.08 -6.82 9.45
C ALA G 67 51.00 -5.80 9.09
N LEU G 68 50.93 -4.66 9.81
CA LEU G 68 49.98 -3.64 9.40
C LEU G 68 50.29 -3.26 7.95
N ARG G 69 51.48 -2.65 7.76
CA ARG G 69 51.77 -1.94 6.52
C ARG G 69 51.84 -2.90 5.35
N SER G 70 52.41 -4.09 5.58
CA SER G 70 52.59 -5.09 4.53
C SER G 70 51.29 -5.72 4.07
N MET G 71 50.31 -5.85 4.96
CA MET G 71 49.12 -6.65 4.66
C MET G 71 47.85 -5.81 4.62
N GLN G 72 47.97 -4.50 4.50
CA GLN G 72 46.79 -3.65 4.47
C GLN G 72 46.10 -3.77 3.12
N GLY G 73 44.79 -4.01 3.12
CA GLY G 73 44.05 -4.20 1.89
C GLY G 73 44.22 -5.56 1.24
N PHE G 74 45.04 -6.44 1.83
CA PHE G 74 45.29 -7.76 1.29
C PHE G 74 43.98 -8.46 0.93
N PRO G 75 43.84 -8.98 -0.29
CA PRO G 75 42.61 -9.71 -0.64
C PRO G 75 42.57 -11.03 0.12
N PHE G 76 41.51 -11.22 0.87
CA PHE G 76 41.38 -12.39 1.72
C PHE G 76 39.96 -12.87 1.52
N TYR G 77 39.81 -14.16 1.25
CA TYR G 77 38.57 -14.76 0.73
C TYR G 77 37.72 -13.74 -0.03
N ASP G 78 38.31 -13.10 -1.05
CA ASP G 78 37.68 -12.13 -1.93
C ASP G 78 37.27 -10.83 -1.25
N LYS G 79 37.76 -10.55 -0.05
CA LYS G 79 37.51 -9.21 0.44
C LYS G 79 38.85 -8.51 0.67
N PRO G 80 38.88 -7.19 0.64
CA PRO G 80 40.11 -6.48 1.00
C PRO G 80 40.20 -6.17 2.50
N MET G 81 41.07 -6.90 3.18
CA MET G 81 41.36 -6.69 4.59
C MET G 81 41.53 -5.22 4.97
N ARG G 82 41.12 -4.92 6.21
CA ARG G 82 41.22 -3.62 6.85
C ARG G 82 41.85 -3.88 8.20
N ILE G 83 43.11 -3.47 8.37
CA ILE G 83 43.87 -3.76 9.59
C ILE G 83 44.06 -2.44 10.35
N GLN G 84 44.39 -2.59 11.65
CA GLN G 84 44.82 -1.50 12.52
C GLN G 84 45.19 -2.03 13.91
N TYR G 85 45.78 -1.18 14.75
CA TYR G 85 46.22 -1.61 16.07
C TYR G 85 45.04 -1.73 17.02
N ALA G 86 45.11 -2.70 17.92
CA ALA G 86 44.16 -2.74 19.01
C ALA G 86 44.27 -1.46 19.84
N LYS G 87 43.12 -0.96 20.29
CA LYS G 87 43.08 0.29 21.05
C LYS G 87 43.55 0.06 22.47
N THR G 88 42.85 -0.78 23.21
CA THR G 88 43.19 -1.05 24.60
C THR G 88 43.01 -2.53 24.88
N ASP G 89 43.91 -3.08 25.67
CA ASP G 89 43.70 -4.38 26.31
C ASP G 89 42.48 -4.29 27.22
N SER G 90 41.30 -4.12 26.65
CA SER G 90 40.08 -3.96 27.42
C SER G 90 38.96 -4.02 26.40
N ASP G 91 38.99 -3.07 25.48
CA ASP G 91 38.31 -3.18 24.19
C ASP G 91 38.45 -4.59 23.64
N ILE G 92 39.66 -5.15 23.74
CA ILE G 92 39.88 -6.51 23.26
C ILE G 92 39.08 -7.51 24.07
N ILE G 93 39.27 -7.50 25.39
CA ILE G 93 38.56 -8.42 26.27
C ILE G 93 37.06 -8.17 26.23
N ALA G 94 36.65 -6.95 25.86
CA ALA G 94 35.26 -6.57 25.70
C ALA G 94 34.66 -6.95 24.35
N LYS G 95 35.47 -7.35 23.35
CA LYS G 95 34.89 -7.90 22.14
C LYS G 95 34.60 -9.38 22.27
N MET G 96 35.34 -10.08 23.14
CA MET G 96 35.30 -11.53 23.25
C MET G 96 34.41 -12.02 24.39
N LYS G 97 33.55 -11.16 24.95
CA LYS G 97 32.52 -11.52 25.95
C LYS G 97 32.66 -12.85 26.68
O3P NMN H . 23.14 15.48 -3.67
P NMN H . 22.90 14.11 -4.26
O1P NMN H . 23.19 12.95 -3.31
O2P NMN H . 23.38 13.89 -5.69
O5R NMN H . 21.30 14.08 -4.41
C5R NMN H . 20.62 15.23 -4.90
C4R NMN H . 19.34 15.27 -4.11
O4R NMN H . 18.72 14.01 -4.31
C3R NMN H . 19.60 15.35 -2.60
O3R NMN H . 19.49 16.69 -2.11
C2R NMN H . 18.51 14.49 -2.01
O2R NMN H . 17.38 15.32 -1.82
C1R NMN H . 18.14 13.52 -3.11
N1 NMN H . 18.63 12.16 -2.88
C2 NMN H . 18.10 11.43 -1.89
C3 NMN H . 18.52 10.14 -1.64
C7 NMN H . 17.91 9.37 -0.49
O7 NMN H . 18.15 8.18 -0.33
N7 NMN H . 17.11 10.03 0.34
C4 NMN H . 19.50 9.59 -2.46
C5 NMN H . 20.04 10.36 -3.49
C6 NMN H . 19.57 11.65 -3.68
MG MG I . 21.38 16.65 0.19
MG MG J . 9.54 3.04 -5.31
MG MG K . 0.86 8.04 -1.17
MG MG L . 14.30 18.05 -14.46
MG MG M . 7.24 6.65 -20.50
MG MG N . 24.58 9.69 -7.71
O3P NMN O . -20.59 16.94 -20.43
P NMN O . -20.41 16.19 -21.73
O1P NMN O . -20.62 17.01 -22.99
O2P NMN O . -21.05 14.82 -21.81
O5R NMN O . -18.85 15.83 -21.73
C5R NMN O . -17.84 16.77 -21.41
C4R NMN O . -16.61 16.22 -22.09
O4R NMN O . -16.23 14.99 -21.50
C3R NMN O . -16.91 15.88 -23.54
O3R NMN O . -16.72 16.97 -24.46
C2R NMN O . -15.91 14.77 -23.81
O2R NMN O . -14.67 15.40 -24.09
C1R NMN O . -15.75 14.07 -22.48
N1 NMN O . -16.51 12.82 -22.38
C2 NMN O . -16.18 11.75 -23.13
C3 NMN O . -16.90 10.56 -23.02
C7 NMN O . -16.52 9.36 -23.86
O7 NMN O . -17.06 8.28 -23.64
N7 NMN O . -15.59 9.51 -24.81
C4 NMN O . -17.97 10.49 -22.15
C5 NMN O . -18.29 11.60 -21.38
C6 NMN O . -17.54 12.77 -21.52
MG MG P . 4.51 2.94 -13.86
MG MG Q . -13.54 6.57 -15.88
MG MG R . 0.51 4.89 -22.60
MG MG S . -20.21 29.76 -5.06
MG MG T . -13.36 4.35 -32.93
MG MG U . -6.57 10.34 -4.12
MG MG V . -24.81 20.27 -35.48
MG MG W . -8.97 11.68 -30.76
MG MG X . -2.83 16.14 -36.92
MG MG Y . -21.46 13.02 15.72
#